data_6EEQ
#
_entry.id   6EEQ
#
_cell.length_a   118.360
_cell.length_b   118.360
_cell.length_c   67.040
_cell.angle_alpha   90.000
_cell.angle_beta   90.000
_cell.angle_gamma   90.000
#
_symmetry.space_group_name_H-M   'P 43 21 2'
#
loop_
_entity.id
_entity.type
_entity.pdbx_description
1 polymer '4-hydroxyphenylacetaldehyde synthase'
2 water water
#
_entity_poly.entity_id   1
_entity_poly.type   'polypeptide(L)'
_entity_poly.pdbx_seq_one_letter_code
;MGSLPSPNDPSNTFNPMDLTELSTESKLVVDFITQYYQTLETRPVQPRVKPGFLTGQLPDKAPFHGESMEVILSDVNEKI
VPGLTHWQSPNFHAYFPASSSNAGLLGELLCSGLSVIGFTWSSSPAATELENVVVDWMAKMLNLPSSFCFSGGGGGVLQA
NTCEAVLCTLAAARDKALNRVGDDQINKLVLYCSDQTHFTIHKGAKLIGIRSKNIKSITTKKENEFKLCPNDLRDAIRSD
LEAGLVPFYVCGTIGTTALGVVDPIKELGKVAREFDLWLHVDGAYGGSACICPEFQHYLDGVDLVDSISMNAH(LLP)WL
LSNLDCCFLWLQSPNALIESLAAEANFLKGGSEMVDYKDWQISLSRRFRAIKMWMVIRRYGVSNLIEHIRSDVSMAVRFE
EMVAADDRFEIVFPRKFALVCFKLSSEKTPPGRDSELTRELMERVNSSGKAYLSGVQMGRIFFIRCVIGSSLTEERHVDN
LWRLIQETAQSIVS
;
_entity_poly.pdbx_strand_id   A
#
# COMPACT_ATOMS: atom_id res chain seq x y z
N ASN A 15 20.53 -26.59 22.61
CA ASN A 15 19.55 -27.14 21.67
C ASN A 15 18.68 -26.02 21.08
N PRO A 16 18.80 -25.78 19.77
CA PRO A 16 18.09 -24.65 19.16
C PRO A 16 16.61 -24.89 18.91
N MET A 17 16.14 -26.13 18.92
CA MET A 17 14.75 -26.45 18.63
C MET A 17 14.11 -27.20 19.78
N ASP A 18 14.40 -26.80 21.03
CA ASP A 18 13.76 -27.41 22.19
C ASP A 18 12.27 -27.09 22.18
N LEU A 19 11.43 -28.13 22.16
CA LEU A 19 10.00 -27.91 21.97
C LEU A 19 9.31 -27.42 23.23
N THR A 20 9.68 -27.95 24.40
CA THR A 20 9.07 -27.47 25.63
C THR A 20 9.49 -26.02 25.90
N GLU A 21 10.76 -25.69 25.65
CA GLU A 21 11.18 -24.30 25.76
C GLU A 21 10.48 -23.43 24.73
N LEU A 22 10.20 -24.00 23.55
CA LEU A 22 9.48 -23.24 22.52
C LEU A 22 8.10 -22.84 23.02
N SER A 23 7.32 -23.82 23.51
CA SER A 23 5.99 -23.50 24.00
C SER A 23 6.02 -22.62 25.26
N THR A 24 7.08 -22.74 26.07
CA THR A 24 7.19 -21.87 27.24
C THR A 24 7.38 -20.42 26.84
N GLU A 25 8.34 -20.15 25.95
CA GLU A 25 8.64 -18.78 25.56
C GLU A 25 7.61 -18.19 24.59
N SER A 26 6.88 -19.04 23.87
CA SER A 26 5.83 -18.55 23.00
C SER A 26 4.75 -17.79 23.77
N LYS A 27 4.34 -18.32 24.91
CA LYS A 27 3.33 -17.62 25.71
C LYS A 27 3.89 -16.30 26.22
N LEU A 28 5.17 -16.27 26.61
CA LEU A 28 5.79 -15.02 27.04
C LEU A 28 5.70 -13.97 25.96
N VAL A 29 6.06 -14.34 24.72
CA VAL A 29 6.04 -13.38 23.62
C VAL A 29 4.61 -12.97 23.30
N VAL A 30 3.66 -13.92 23.32
CA VAL A 30 2.26 -13.61 23.04
C VAL A 30 1.70 -12.64 24.08
N ASP A 31 1.98 -12.90 25.36
CA ASP A 31 1.54 -11.97 26.39
C ASP A 31 2.21 -10.62 26.25
N PHE A 32 3.48 -10.59 25.86
CA PHE A 32 4.13 -9.32 25.57
C PHE A 32 3.36 -8.55 24.51
N ILE A 33 2.98 -9.23 23.43
CA ILE A 33 2.27 -8.57 22.33
C ILE A 33 0.90 -8.08 22.80
N THR A 34 0.19 -8.87 23.62
CA THR A 34 -1.14 -8.45 24.04
C THR A 34 -1.06 -7.23 24.95
N GLN A 35 -0.04 -7.17 25.83
CA GLN A 35 0.15 -5.97 26.65
C GLN A 35 0.57 -4.77 25.82
N TYR A 36 1.41 -4.97 24.81
CA TYR A 36 1.71 -3.87 23.90
C TYR A 36 0.44 -3.32 23.27
N TYR A 37 -0.39 -4.21 22.73
CA TYR A 37 -1.63 -3.77 22.09
C TYR A 37 -2.50 -2.99 23.07
N GLN A 38 -2.66 -3.50 24.30
CA GLN A 38 -3.50 -2.81 25.26
C GLN A 38 -2.92 -1.47 25.70
N THR A 39 -1.60 -1.29 25.57
CA THR A 39 -1.00 0.01 25.87
C THR A 39 -1.43 1.09 24.89
N LEU A 40 -1.64 0.74 23.62
CA LEU A 40 -1.66 1.71 22.54
C LEU A 40 -2.72 2.80 22.70
N GLU A 41 -3.75 2.57 23.51
CA GLU A 41 -4.72 3.65 23.75
C GLU A 41 -4.10 4.81 24.50
N THR A 42 -3.04 4.57 25.26
CA THR A 42 -2.37 5.61 26.05
C THR A 42 -1.05 6.06 25.42
N ARG A 43 -0.31 5.15 24.80
CA ARG A 43 1.04 5.45 24.36
C ARG A 43 1.04 6.61 23.35
N PRO A 44 1.89 7.61 23.54
CA PRO A 44 2.06 8.62 22.49
C PRO A 44 2.49 7.97 21.19
N VAL A 45 1.75 8.26 20.13
CA VAL A 45 1.92 7.60 18.83
C VAL A 45 3.33 7.82 18.30
N GLN A 46 3.65 9.06 17.92
N GLN A 46 3.65 9.06 17.92
CA GLN A 46 4.99 9.34 17.40
CA GLN A 46 4.97 9.37 17.42
C GLN A 46 5.90 9.80 18.54
C GLN A 46 5.89 9.79 18.56
N PRO A 47 7.09 9.23 18.67
CA PRO A 47 8.00 9.63 19.74
C PRO A 47 8.75 10.91 19.40
N ARG A 48 9.34 11.50 20.43
CA ARG A 48 10.30 12.59 20.27
C ARG A 48 11.61 12.12 20.89
N VAL A 49 12.51 11.64 20.05
CA VAL A 49 13.82 11.14 20.49
C VAL A 49 14.86 11.67 19.51
N LYS A 50 16.11 11.70 19.97
CA LYS A 50 17.38 12.16 19.41
C LYS A 50 18.09 11.03 18.67
N PRO A 51 18.69 11.33 17.52
CA PRO A 51 19.44 10.29 16.80
C PRO A 51 20.63 9.80 17.62
N GLY A 52 20.77 8.48 17.70
CA GLY A 52 21.79 7.84 18.50
C GLY A 52 21.34 7.41 19.88
N PHE A 53 20.06 7.59 20.22
CA PHE A 53 19.56 7.22 21.53
C PHE A 53 19.69 5.72 21.77
N LEU A 54 19.35 4.90 20.77
CA LEU A 54 19.43 3.46 20.92
C LEU A 54 20.83 2.95 20.62
N THR A 55 21.48 3.55 19.61
CA THR A 55 22.81 3.12 19.20
C THR A 55 23.80 3.18 20.36
N GLY A 56 23.82 4.29 21.09
CA GLY A 56 24.69 4.40 22.24
C GLY A 56 24.23 3.59 23.44
N GLN A 57 22.95 3.23 23.50
CA GLN A 57 22.40 2.48 24.62
C GLN A 57 22.64 0.98 24.50
N LEU A 58 23.15 0.50 23.37
CA LEU A 58 23.32 -0.93 23.17
C LEU A 58 24.80 -1.28 23.06
N PRO A 59 25.17 -2.51 23.41
CA PRO A 59 26.58 -2.91 23.36
C PRO A 59 27.17 -2.77 21.96
N ASP A 60 28.50 -2.72 21.93
CA ASP A 60 29.22 -2.53 20.68
C ASP A 60 29.31 -3.80 19.85
N LYS A 61 29.31 -4.96 20.50
CA LYS A 61 29.47 -6.24 19.82
C LYS A 61 28.38 -7.20 20.30
N ALA A 62 28.26 -8.33 19.60
CA ALA A 62 27.26 -9.32 19.95
C ALA A 62 27.67 -10.07 21.22
N PRO A 63 26.71 -10.61 21.96
CA PRO A 63 27.06 -11.38 23.16
C PRO A 63 27.69 -12.71 22.78
N PHE A 64 28.70 -13.11 23.56
CA PHE A 64 29.25 -14.46 23.43
C PHE A 64 28.26 -15.49 23.94
N HIS A 65 27.72 -15.27 25.13
CA HIS A 65 26.74 -16.16 25.73
C HIS A 65 25.33 -15.65 25.44
N GLY A 66 24.35 -16.50 25.76
CA GLY A 66 22.96 -16.16 25.55
C GLY A 66 22.34 -15.54 26.78
N GLU A 67 21.07 -15.17 26.63
CA GLU A 67 20.29 -14.59 27.72
C GLU A 67 18.87 -15.12 27.63
N SER A 68 18.15 -15.02 28.74
CA SER A 68 16.80 -15.58 28.82
C SER A 68 15.85 -14.82 27.89
N MET A 69 14.65 -15.37 27.73
CA MET A 69 13.66 -14.71 26.88
C MET A 69 13.04 -13.50 27.57
N GLU A 70 12.75 -13.61 28.87
CA GLU A 70 12.04 -12.52 29.52
C GLU A 70 12.92 -11.29 29.70
N VAL A 71 14.22 -11.48 29.94
CA VAL A 71 15.13 -10.34 29.97
C VAL A 71 15.21 -9.67 28.60
N ILE A 72 15.16 -10.48 27.53
CA ILE A 72 15.12 -9.90 26.19
C ILE A 72 13.85 -9.08 25.99
N LEU A 73 12.71 -9.62 26.41
CA LEU A 73 11.44 -8.93 26.21
C LEU A 73 11.36 -7.66 27.04
N SER A 74 11.92 -7.70 28.25
CA SER A 74 11.99 -6.49 29.06
C SER A 74 12.86 -5.44 28.39
N ASP A 75 14.02 -5.85 27.86
CA ASP A 75 14.86 -4.91 27.12
C ASP A 75 14.13 -4.35 25.93
N VAL A 76 13.28 -5.15 25.28
CA VAL A 76 12.50 -4.66 24.16
C VAL A 76 11.50 -3.60 24.63
N ASN A 77 10.69 -3.92 25.64
CA ASN A 77 9.65 -2.99 26.06
C ASN A 77 10.20 -1.71 26.67
N GLU A 78 11.45 -1.71 27.16
CA GLU A 78 11.95 -0.46 27.72
C GLU A 78 12.86 0.30 26.76
N LYS A 79 13.58 -0.37 25.87
CA LYS A 79 14.61 0.28 25.06
C LYS A 79 14.24 0.52 23.60
N ILE A 80 13.31 -0.26 23.04
CA ILE A 80 12.95 -0.14 21.63
C ILE A 80 11.51 0.32 21.45
N VAL A 81 10.58 -0.20 22.25
CA VAL A 81 9.17 0.19 22.13
C VAL A 81 8.95 1.69 22.25
N PRO A 82 9.52 2.39 23.23
CA PRO A 82 9.27 3.85 23.29
C PRO A 82 9.79 4.60 22.07
N GLY A 83 10.85 4.12 21.43
CA GLY A 83 11.38 4.77 20.24
C GLY A 83 10.72 4.31 18.96
N LEU A 84 9.51 3.76 19.08
CA LEU A 84 8.75 3.28 17.94
C LEU A 84 7.62 4.23 17.59
N THR A 85 7.33 4.33 16.29
CA THR A 85 6.08 4.91 15.83
C THR A 85 5.04 3.80 15.80
N HIS A 86 3.97 3.98 16.59
CA HIS A 86 3.04 2.89 16.85
C HIS A 86 1.94 2.88 15.79
N TRP A 87 2.27 2.24 14.68
CA TRP A 87 1.33 2.11 13.57
C TRP A 87 0.02 1.48 14.03
N GLN A 88 0.09 0.54 14.97
CA GLN A 88 -1.12 -0.15 15.42
C GLN A 88 -1.95 0.66 16.41
N SER A 89 -1.47 1.82 16.85
CA SER A 89 -2.25 2.61 17.79
C SER A 89 -3.56 3.04 17.15
N PRO A 90 -4.65 3.09 17.92
CA PRO A 90 -5.88 3.68 17.38
C PRO A 90 -5.77 5.18 17.17
N ASN A 91 -4.65 5.80 17.55
CA ASN A 91 -4.50 7.23 17.33
C ASN A 91 -3.66 7.52 16.09
N PHE A 92 -3.33 6.49 15.31
CA PHE A 92 -2.47 6.63 14.15
C PHE A 92 -3.32 6.70 12.89
N HIS A 93 -3.24 7.84 12.20
CA HIS A 93 -4.02 8.10 10.99
C HIS A 93 -3.17 8.72 9.88
N ALA A 94 -1.87 8.44 9.91
CA ALA A 94 -0.97 8.95 8.90
C ALA A 94 -0.57 7.84 7.93
N TYR A 95 0.03 8.24 6.81
CA TYR A 95 0.57 7.32 5.79
C TYR A 95 -0.58 6.41 5.35
N PHE A 96 -0.45 5.09 5.43
CA PHE A 96 -1.51 4.16 5.06
C PHE A 96 -1.45 2.99 6.04
N PRO A 97 -2.60 2.44 6.40
CA PRO A 97 -2.64 1.50 7.53
C PRO A 97 -1.88 0.21 7.24
N ALA A 98 -1.42 -0.41 8.32
CA ALA A 98 -0.88 -1.76 8.30
C ALA A 98 -1.88 -2.69 8.98
N SER A 99 -3.01 -2.94 8.30
CA SER A 99 -4.13 -3.67 8.87
C SER A 99 -3.68 -5.00 9.46
N SER A 100 -3.86 -5.15 10.77
CA SER A 100 -3.42 -6.32 11.51
C SER A 100 -4.58 -6.95 12.25
N SER A 101 -4.61 -8.28 12.26
CA SER A 101 -5.65 -9.03 12.95
C SER A 101 -5.01 -10.23 13.65
N ASN A 102 -5.80 -10.85 14.53
CA ASN A 102 -5.33 -12.08 15.18
C ASN A 102 -4.99 -13.15 14.15
N ALA A 103 -5.84 -13.31 13.13
CA ALA A 103 -5.59 -14.34 12.12
C ALA A 103 -4.32 -14.04 11.32
N GLY A 104 -4.07 -12.76 11.02
CA GLY A 104 -2.86 -12.41 10.29
C GLY A 104 -1.59 -12.69 11.09
N LEU A 105 -1.60 -12.32 12.38
CA LEU A 105 -0.44 -12.58 13.24
C LEU A 105 -0.21 -14.08 13.40
N LEU A 106 -1.26 -14.83 13.72
CA LEU A 106 -1.11 -16.27 13.89
C LEU A 106 -0.77 -16.96 12.58
N GLY A 107 -1.20 -16.41 11.44
CA GLY A 107 -0.81 -16.98 10.15
C GLY A 107 0.65 -16.72 9.84
N GLU A 108 1.15 -15.54 10.22
CA GLU A 108 2.59 -15.29 10.16
C GLU A 108 3.35 -16.33 10.98
N LEU A 109 2.89 -16.57 12.21
CA LEU A 109 3.53 -17.57 13.06
C LEU A 109 3.49 -18.95 12.42
N LEU A 110 2.34 -19.34 11.86
CA LEU A 110 2.23 -20.68 11.28
C LEU A 110 3.11 -20.81 10.03
N CYS A 111 3.11 -19.79 9.18
CA CYS A 111 3.97 -19.79 8.01
C CYS A 111 5.43 -19.96 8.41
N SER A 112 5.89 -19.14 9.38
CA SER A 112 7.28 -19.26 9.81
C SER A 112 7.56 -20.59 10.51
N GLY A 113 6.55 -21.20 11.12
CA GLY A 113 6.76 -22.50 11.74
C GLY A 113 6.91 -23.62 10.73
N LEU A 114 6.09 -23.59 9.68
CA LEU A 114 6.24 -24.56 8.61
C LEU A 114 7.58 -24.39 7.91
N SER A 115 8.01 -23.14 7.72
CA SER A 115 9.32 -22.81 7.14
C SER A 115 9.56 -23.59 5.85
N VAL A 116 8.53 -23.65 5.01
CA VAL A 116 8.62 -24.30 3.70
C VAL A 116 8.87 -23.22 2.67
N ILE A 117 9.92 -23.38 1.90
CA ILE A 117 10.32 -22.40 0.89
C ILE A 117 10.08 -23.03 -0.47
N GLY A 118 8.99 -22.65 -1.12
CA GLY A 118 8.59 -23.33 -2.33
C GLY A 118 8.79 -22.49 -3.57
N PHE A 119 9.96 -22.57 -4.18
CA PHE A 119 10.23 -21.82 -5.40
C PHE A 119 9.67 -22.49 -6.65
N THR A 120 9.34 -23.78 -6.57
CA THR A 120 8.75 -24.48 -7.70
C THR A 120 7.64 -25.37 -7.18
N TRP A 121 6.82 -25.87 -8.11
CA TRP A 121 5.74 -26.78 -7.73
C TRP A 121 6.30 -28.05 -7.10
N SER A 122 7.44 -28.54 -7.59
CA SER A 122 7.98 -29.79 -7.06
C SER A 122 8.52 -29.63 -5.64
N SER A 123 8.97 -28.43 -5.28
CA SER A 123 9.56 -28.19 -3.96
C SER A 123 8.52 -27.88 -2.89
N SER A 124 7.22 -27.95 -3.23
CA SER A 124 6.06 -27.87 -2.34
C SER A 124 4.81 -27.72 -3.19
N PRO A 125 4.25 -28.81 -3.72
CA PRO A 125 3.03 -28.68 -4.53
C PRO A 125 1.89 -27.98 -3.81
N ALA A 126 1.67 -28.31 -2.53
CA ALA A 126 0.54 -27.75 -1.81
C ALA A 126 0.68 -26.24 -1.64
N ALA A 127 1.91 -25.76 -1.43
CA ALA A 127 2.12 -24.32 -1.29
C ALA A 127 1.73 -23.58 -2.56
N THR A 128 2.20 -24.07 -3.71
CA THR A 128 1.86 -23.43 -4.98
C THR A 128 0.38 -23.53 -5.29
N GLU A 129 -0.23 -24.71 -5.06
CA GLU A 129 -1.66 -24.85 -5.34
C GLU A 129 -2.49 -23.96 -4.42
N LEU A 130 -2.06 -23.79 -3.17
CA LEU A 130 -2.82 -22.93 -2.26
C LEU A 130 -2.64 -21.47 -2.64
N GLU A 131 -1.45 -21.09 -3.09
CA GLU A 131 -1.28 -19.75 -3.66
C GLU A 131 -2.23 -19.56 -4.85
N ASN A 132 -2.34 -20.58 -5.71
CA ASN A 132 -3.27 -20.52 -6.83
C ASN A 132 -4.69 -20.24 -6.37
N VAL A 133 -5.20 -21.04 -5.42
CA VAL A 133 -6.59 -20.88 -5.02
C VAL A 133 -6.82 -19.55 -4.31
N VAL A 134 -5.84 -19.09 -3.52
CA VAL A 134 -6.02 -17.81 -2.83
C VAL A 134 -6.03 -16.65 -3.83
N VAL A 135 -5.15 -16.71 -4.83
CA VAL A 135 -5.13 -15.71 -5.90
C VAL A 135 -6.49 -15.67 -6.60
N ASP A 136 -7.04 -16.85 -6.93
CA ASP A 136 -8.31 -16.89 -7.63
C ASP A 136 -9.46 -16.42 -6.74
N TRP A 137 -9.42 -16.80 -5.46
CA TRP A 137 -10.38 -16.31 -4.48
C TRP A 137 -10.44 -14.79 -4.49
N MET A 138 -9.28 -14.16 -4.31
CA MET A 138 -9.24 -12.70 -4.28
C MET A 138 -9.70 -12.10 -5.60
N ALA A 139 -9.33 -12.73 -6.72
CA ALA A 139 -9.74 -12.23 -8.03
C ALA A 139 -11.25 -12.18 -8.16
N LYS A 140 -11.93 -13.21 -7.65
CA LYS A 140 -13.39 -13.17 -7.76
C LYS A 140 -14.02 -12.32 -6.66
N MET A 141 -13.32 -12.14 -5.53
CA MET A 141 -13.77 -11.19 -4.53
C MET A 141 -13.81 -9.77 -5.11
N LEU A 142 -12.81 -9.43 -5.93
CA LEU A 142 -12.79 -8.14 -6.59
C LEU A 142 -13.62 -8.11 -7.87
N ASN A 143 -14.12 -9.27 -8.33
CA ASN A 143 -14.96 -9.38 -9.52
C ASN A 143 -14.22 -8.93 -10.78
N LEU A 144 -13.06 -9.54 -11.00
CA LEU A 144 -12.30 -9.36 -12.22
C LEU A 144 -12.85 -10.26 -13.32
N PRO A 145 -12.53 -9.98 -14.59
CA PRO A 145 -12.91 -10.89 -15.66
C PRO A 145 -12.17 -12.21 -15.53
N SER A 146 -12.73 -13.24 -16.19
CA SER A 146 -12.14 -14.57 -16.13
C SER A 146 -10.68 -14.56 -16.59
N SER A 147 -10.32 -13.62 -17.47
CA SER A 147 -8.98 -13.60 -18.05
C SER A 147 -7.88 -13.36 -17.02
N PHE A 148 -8.23 -12.93 -15.80
CA PHE A 148 -7.24 -12.75 -14.73
C PHE A 148 -7.15 -13.94 -13.81
N CYS A 149 -8.07 -14.90 -13.91
CA CYS A 149 -8.07 -16.10 -13.10
C CYS A 149 -7.23 -17.19 -13.74
N PHE A 150 -6.69 -18.09 -12.90
CA PHE A 150 -5.96 -19.25 -13.41
C PHE A 150 -6.85 -20.11 -14.29
N SER A 151 -8.16 -20.10 -14.02
CA SER A 151 -9.13 -20.88 -14.78
C SER A 151 -9.67 -20.12 -16.00
N GLY A 152 -9.05 -19.00 -16.37
CA GLY A 152 -9.54 -18.22 -17.49
C GLY A 152 -8.47 -17.84 -18.49
N GLY A 153 -7.25 -18.33 -18.28
CA GLY A 153 -6.15 -18.04 -19.19
C GLY A 153 -4.98 -17.34 -18.52
N GLY A 154 -5.27 -16.29 -17.76
CA GLY A 154 -4.27 -15.55 -17.02
C GLY A 154 -3.95 -16.18 -15.68
N GLY A 155 -3.58 -15.35 -14.72
CA GLY A 155 -3.26 -15.86 -13.40
C GLY A 155 -2.52 -14.83 -12.59
N GLY A 156 -2.29 -15.17 -11.31
CA GLY A 156 -1.73 -14.22 -10.36
C GLY A 156 -0.66 -14.84 -9.49
N VAL A 157 -0.13 -14.03 -8.58
CA VAL A 157 0.97 -14.42 -7.72
C VAL A 157 0.99 -13.49 -6.51
N LEU A 158 1.44 -14.01 -5.38
CA LEU A 158 1.68 -13.20 -4.19
C LEU A 158 3.11 -12.66 -4.19
N GLN A 159 3.26 -11.40 -3.81
CA GLN A 159 4.54 -10.72 -3.67
C GLN A 159 4.61 -10.12 -2.26
N ALA A 160 5.69 -9.40 -1.99
CA ALA A 160 5.89 -8.78 -0.68
C ALA A 160 5.51 -7.30 -0.64
N ASN A 161 5.69 -6.58 -1.75
CA ASN A 161 5.49 -5.15 -1.82
C ASN A 161 4.88 -4.83 -3.18
N THR A 162 4.46 -3.57 -3.39
CA THR A 162 4.02 -3.25 -4.74
C THR A 162 5.19 -2.99 -5.69
N CYS A 163 6.39 -2.74 -5.17
CA CYS A 163 7.51 -2.49 -6.07
C CYS A 163 8.01 -3.76 -6.72
N GLU A 164 7.93 -4.92 -6.05
CA GLU A 164 8.25 -6.18 -6.71
C GLU A 164 7.31 -6.43 -7.88
N ALA A 165 6.00 -6.28 -7.66
CA ALA A 165 5.04 -6.47 -8.73
C ALA A 165 5.24 -5.44 -9.85
N VAL A 166 5.51 -4.19 -9.48
CA VAL A 166 5.73 -3.15 -10.48
C VAL A 166 6.98 -3.44 -11.29
N LEU A 167 8.03 -3.91 -10.64
CA LEU A 167 9.25 -4.29 -11.35
C LEU A 167 9.00 -5.43 -12.32
N CYS A 168 8.24 -6.44 -11.86
CA CYS A 168 7.94 -7.57 -12.73
C CYS A 168 7.17 -7.11 -13.98
N THR A 169 6.15 -6.27 -13.79
CA THR A 169 5.38 -5.80 -14.93
C THR A 169 6.23 -4.92 -15.84
N LEU A 170 7.08 -4.07 -15.25
CA LEU A 170 7.95 -3.21 -16.04
C LEU A 170 8.91 -4.01 -16.89
N ALA A 171 9.49 -5.07 -16.31
CA ALA A 171 10.39 -5.92 -17.07
C ALA A 171 9.65 -6.62 -18.21
N ALA A 172 8.47 -7.17 -17.91
CA ALA A 172 7.69 -7.82 -18.97
C ALA A 172 7.36 -6.86 -20.10
N ALA A 173 6.94 -5.65 -19.75
CA ALA A 173 6.59 -4.65 -20.77
C ALA A 173 7.81 -4.25 -21.59
N ARG A 174 8.92 -3.99 -20.91
CA ARG A 174 10.15 -3.58 -21.59
C ARG A 174 10.61 -4.66 -22.57
N ASP A 175 10.56 -5.92 -22.15
CA ASP A 175 11.04 -6.97 -23.02
C ASP A 175 10.09 -7.24 -24.17
N LYS A 176 8.78 -7.07 -23.96
CA LYS A 176 7.83 -7.15 -25.07
C LYS A 176 8.12 -6.06 -26.10
N ALA A 177 8.26 -4.82 -25.63
CA ALA A 177 8.61 -3.73 -26.54
C ALA A 177 9.89 -4.05 -27.31
N LEU A 178 10.96 -4.41 -26.59
CA LEU A 178 12.26 -4.61 -27.22
C LEU A 178 12.22 -5.77 -28.20
N ASN A 179 11.42 -6.81 -27.90
CA ASN A 179 11.26 -7.90 -28.85
C ASN A 179 10.51 -7.43 -30.09
N ARG A 180 9.68 -6.38 -29.97
CA ARG A 180 9.02 -5.87 -31.16
C ARG A 180 9.90 -4.94 -31.97
N VAL A 181 10.62 -4.02 -31.32
CA VAL A 181 11.27 -2.92 -32.05
C VAL A 181 12.76 -3.19 -32.22
N GLY A 182 13.37 -3.93 -31.32
CA GLY A 182 14.78 -4.22 -31.42
C GLY A 182 15.42 -4.39 -30.05
N ASP A 183 16.49 -5.20 -30.01
CA ASP A 183 17.12 -5.53 -28.74
C ASP A 183 17.91 -4.38 -28.17
N ASP A 184 18.48 -3.51 -29.02
CA ASP A 184 19.35 -2.43 -28.56
C ASP A 184 18.64 -1.08 -28.50
N GLN A 185 17.32 -1.08 -28.32
CA GLN A 185 16.52 0.14 -28.38
C GLN A 185 16.05 0.61 -27.01
N ILE A 186 16.68 0.15 -25.92
CA ILE A 186 16.19 0.46 -24.59
C ILE A 186 16.22 1.96 -24.32
N ASN A 187 17.19 2.67 -24.91
CA ASN A 187 17.31 4.12 -24.69
C ASN A 187 16.18 4.89 -25.33
N LYS A 188 15.29 4.25 -26.08
CA LYS A 188 14.18 4.93 -26.72
C LYS A 188 12.83 4.58 -26.11
N LEU A 189 12.80 3.70 -25.10
CA LEU A 189 11.54 3.31 -24.49
C LEU A 189 11.04 4.39 -23.55
N VAL A 190 9.75 4.69 -23.65
CA VAL A 190 9.14 5.79 -22.92
C VAL A 190 7.99 5.24 -22.08
N LEU A 191 7.99 5.58 -20.79
CA LEU A 191 6.94 5.22 -19.85
C LEU A 191 6.14 6.46 -19.49
N TYR A 192 4.83 6.29 -19.32
CA TYR A 192 3.94 7.38 -18.95
C TYR A 192 3.25 7.08 -17.63
N CYS A 193 3.20 8.08 -16.76
CA CYS A 193 2.37 8.03 -15.56
C CYS A 193 1.97 9.45 -15.22
N SER A 194 1.07 9.60 -14.26
CA SER A 194 0.63 10.93 -13.88
C SER A 194 1.59 11.52 -12.84
N ASP A 195 1.40 12.81 -12.53
CA ASP A 195 2.18 13.42 -11.47
C ASP A 195 1.67 13.03 -10.07
N GLN A 196 0.60 12.24 -9.98
CA GLN A 196 0.14 11.71 -8.70
C GLN A 196 0.60 10.28 -8.46
N THR A 197 1.16 9.63 -9.47
CA THR A 197 1.58 8.24 -9.35
C THR A 197 2.60 8.08 -8.23
N HIS A 198 2.54 6.94 -7.55
CA HIS A 198 3.49 6.66 -6.48
C HIS A 198 4.91 6.66 -7.02
N PHE A 199 5.85 7.15 -6.20
CA PHE A 199 7.24 7.23 -6.62
C PHE A 199 7.83 5.88 -6.96
N THR A 200 7.18 4.78 -6.52
CA THR A 200 7.67 3.46 -6.84
C THR A 200 7.72 3.21 -8.35
N ILE A 201 6.83 3.85 -9.11
CA ILE A 201 6.84 3.68 -10.55
C ILE A 201 8.11 4.27 -11.14
N HIS A 202 8.43 5.51 -10.78
N HIS A 202 8.44 5.51 -10.78
CA HIS A 202 9.67 6.13 -11.24
CA HIS A 202 9.70 6.10 -11.27
C HIS A 202 10.89 5.32 -10.78
C HIS A 202 10.90 5.30 -10.78
N LYS A 203 10.84 4.84 -9.53
CA LYS A 203 11.95 4.04 -8.99
C LYS A 203 12.17 2.78 -9.81
N GLY A 204 11.10 2.03 -10.09
CA GLY A 204 11.25 0.81 -10.87
C GLY A 204 11.64 1.08 -12.31
N ALA A 205 11.08 2.14 -12.90
CA ALA A 205 11.47 2.51 -14.25
C ALA A 205 12.96 2.80 -14.34
N LYS A 206 13.49 3.55 -13.36
CA LYS A 206 14.93 3.76 -13.32
C LYS A 206 15.67 2.45 -13.07
N LEU A 207 15.05 1.52 -12.36
CA LEU A 207 15.70 0.25 -12.04
C LEU A 207 15.92 -0.60 -13.29
N ILE A 208 14.94 -0.63 -14.20
CA ILE A 208 15.01 -1.52 -15.36
C ILE A 208 15.68 -0.84 -16.56
N GLY A 209 16.40 0.26 -16.30
CA GLY A 209 17.24 0.85 -17.32
C GLY A 209 16.60 1.92 -18.18
N ILE A 210 15.34 2.26 -17.93
CA ILE A 210 14.72 3.38 -18.62
C ILE A 210 15.44 4.67 -18.24
N ARG A 211 15.69 5.52 -19.24
CA ARG A 211 16.41 6.76 -18.99
C ARG A 211 15.50 7.78 -18.30
N SER A 212 16.12 8.69 -17.53
CA SER A 212 15.37 9.61 -16.68
C SER A 212 14.43 10.49 -17.50
N LYS A 213 14.88 10.93 -18.67
CA LYS A 213 14.04 11.76 -19.53
C LYS A 213 12.83 11.00 -20.05
N ASN A 214 12.87 9.67 -20.07
CA ASN A 214 11.82 8.87 -20.67
C ASN A 214 10.78 8.38 -19.66
N ILE A 215 10.88 8.78 -18.40
CA ILE A 215 9.87 8.47 -17.39
C ILE A 215 9.02 9.74 -17.27
N LYS A 216 7.98 9.84 -18.10
CA LYS A 216 7.22 11.07 -18.21
C LYS A 216 6.08 11.08 -17.19
N SER A 217 6.16 12.02 -16.25
CA SER A 217 5.06 12.33 -15.33
C SER A 217 4.23 13.44 -15.97
N ILE A 218 3.06 13.08 -16.48
CA ILE A 218 2.16 14.04 -17.08
C ILE A 218 1.38 14.75 -15.99
N THR A 219 1.35 16.09 -16.05
CA THR A 219 0.71 16.84 -14.99
C THR A 219 -0.80 16.67 -15.08
N THR A 220 -1.43 16.67 -13.91
CA THR A 220 -2.88 16.57 -13.79
C THR A 220 -3.43 17.89 -13.26
N LYS A 221 -4.67 18.18 -13.64
CA LYS A 221 -5.30 19.45 -13.31
C LYS A 221 -6.47 19.24 -12.36
N LYS A 222 -6.65 20.19 -11.43
CA LYS A 222 -7.76 20.15 -10.49
C LYS A 222 -9.11 20.11 -11.20
N GLU A 223 -9.16 20.59 -12.45
CA GLU A 223 -10.38 20.47 -13.24
C GLU A 223 -10.79 19.01 -13.39
N ASN A 224 -9.82 18.12 -13.62
CA ASN A 224 -10.09 16.72 -13.85
C ASN A 224 -10.03 15.90 -12.56
N GLU A 225 -10.21 16.54 -11.41
CA GLU A 225 -10.00 15.89 -10.11
C GLU A 225 -8.60 15.25 -10.04
N PHE A 226 -7.63 15.87 -10.70
CA PHE A 226 -6.25 15.41 -10.78
C PHE A 226 -6.12 14.03 -11.39
N LYS A 227 -7.16 13.57 -12.10
CA LYS A 227 -7.05 12.33 -12.85
C LYS A 227 -6.11 12.51 -14.04
N LEU A 228 -5.54 11.40 -14.49
CA LEU A 228 -4.70 11.41 -15.69
C LEU A 228 -5.62 11.43 -16.91
N CYS A 229 -5.70 12.58 -17.58
CA CYS A 229 -6.60 12.70 -18.72
C CYS A 229 -6.07 11.89 -19.89
N PRO A 230 -6.90 11.07 -20.54
CA PRO A 230 -6.40 10.23 -21.64
C PRO A 230 -6.02 11.00 -22.88
N ASN A 231 -6.60 12.18 -23.11
CA ASN A 231 -6.22 12.96 -24.28
C ASN A 231 -4.77 13.44 -24.17
N ASP A 232 -4.36 13.91 -23.00
CA ASP A 232 -2.96 14.28 -22.81
C ASP A 232 -2.04 13.07 -22.96
N LEU A 233 -2.50 11.91 -22.51
CA LEU A 233 -1.74 10.67 -22.72
C LEU A 233 -1.52 10.42 -24.21
N ARG A 234 -2.60 10.49 -24.99
CA ARG A 234 -2.51 10.23 -26.44
C ARG A 234 -1.61 11.25 -27.12
N ASP A 235 -1.73 12.52 -26.74
CA ASP A 235 -0.92 13.55 -27.37
C ASP A 235 0.55 13.38 -27.02
N ALA A 236 0.86 13.04 -25.77
CA ALA A 236 2.25 12.75 -25.39
C ALA A 236 2.78 11.54 -26.17
N ILE A 237 1.94 10.52 -26.33
CA ILE A 237 2.37 9.32 -27.04
C ILE A 237 2.74 9.66 -28.48
N ARG A 238 1.85 10.34 -29.20
CA ARG A 238 2.16 10.61 -30.61
C ARG A 238 3.25 11.67 -30.75
N SER A 239 3.41 12.57 -29.76
CA SER A 239 4.51 13.51 -29.81
C SER A 239 5.85 12.80 -29.67
N ASP A 240 5.93 11.84 -28.76
CA ASP A 240 7.18 11.09 -28.60
C ASP A 240 7.39 10.08 -29.73
N LEU A 241 6.30 9.62 -30.35
CA LEU A 241 6.42 8.72 -31.51
C LEU A 241 6.94 9.49 -32.73
N GLU A 242 6.52 10.74 -32.90
CA GLU A 242 7.09 11.56 -33.96
C GLU A 242 8.54 11.93 -33.68
N ALA A 243 8.99 11.81 -32.44
CA ALA A 243 10.39 12.03 -32.11
C ALA A 243 11.23 10.76 -32.26
N GLY A 244 10.63 9.66 -32.69
CA GLY A 244 11.37 8.43 -32.90
C GLY A 244 11.59 7.59 -31.66
N LEU A 245 10.76 7.73 -30.64
CA LEU A 245 10.89 6.92 -29.43
C LEU A 245 9.72 5.97 -29.29
N VAL A 246 9.91 4.95 -28.45
CA VAL A 246 8.96 3.84 -28.35
C VAL A 246 8.24 3.88 -27.00
N PRO A 247 7.04 4.46 -26.91
CA PRO A 247 6.23 4.26 -25.72
C PRO A 247 5.94 2.79 -25.49
N PHE A 248 5.90 2.38 -24.22
CA PHE A 248 5.72 0.96 -23.92
C PHE A 248 4.93 0.67 -22.65
N TYR A 249 4.80 1.66 -21.76
CA TYR A 249 4.23 1.41 -20.45
C TYR A 249 3.42 2.62 -19.99
N VAL A 250 2.25 2.33 -19.41
CA VAL A 250 1.38 3.33 -18.81
C VAL A 250 0.88 2.75 -17.50
N CYS A 251 0.96 3.53 -16.43
CA CYS A 251 0.49 3.11 -15.12
C CYS A 251 -0.66 4.01 -14.67
N GLY A 252 -1.84 3.41 -14.53
CA GLY A 252 -2.98 4.06 -13.91
C GLY A 252 -3.09 3.61 -12.47
N THR A 253 -3.71 4.44 -11.63
CA THR A 253 -3.72 4.22 -10.20
C THR A 253 -5.14 4.32 -9.67
N ILE A 254 -5.51 3.38 -8.79
CA ILE A 254 -6.76 3.43 -8.06
C ILE A 254 -6.42 3.82 -6.63
N GLY A 255 -6.70 5.06 -6.27
CA GLY A 255 -6.37 5.58 -4.95
C GLY A 255 -4.91 5.94 -4.81
N THR A 256 -4.53 7.14 -5.21
CA THR A 256 -3.15 7.58 -5.04
C THR A 256 -2.85 7.89 -3.57
N THR A 257 -1.56 8.04 -3.28
CA THR A 257 -1.12 8.20 -1.90
C THR A 257 -1.59 9.52 -1.32
N ALA A 258 -1.21 10.63 -1.95
CA ALA A 258 -1.48 11.95 -1.36
C ALA A 258 -2.97 12.25 -1.34
N LEU A 259 -3.66 12.08 -2.48
CA LEU A 259 -5.04 12.52 -2.60
C LEU A 259 -6.06 11.39 -2.68
N GLY A 260 -5.64 10.18 -3.02
CA GLY A 260 -6.61 9.11 -3.27
C GLY A 260 -7.33 9.26 -4.59
N VAL A 261 -6.61 9.59 -5.66
CA VAL A 261 -7.20 9.79 -6.98
C VAL A 261 -7.41 8.44 -7.64
N VAL A 262 -8.50 8.30 -8.40
CA VAL A 262 -8.71 7.13 -9.25
C VAL A 262 -8.60 7.58 -10.71
N ASP A 263 -7.67 6.97 -11.42
CA ASP A 263 -7.51 7.34 -12.82
C ASP A 263 -8.60 6.70 -13.68
N PRO A 264 -8.98 7.34 -14.79
CA PRO A 264 -10.01 6.77 -15.67
C PRO A 264 -9.54 5.51 -16.38
N ILE A 265 -9.81 4.35 -15.78
CA ILE A 265 -9.16 3.11 -16.18
C ILE A 265 -9.52 2.74 -17.61
N LYS A 266 -10.82 2.75 -17.95
CA LYS A 266 -11.24 2.27 -19.26
C LYS A 266 -10.72 3.16 -20.39
N GLU A 267 -10.76 4.47 -20.20
CA GLU A 267 -10.29 5.38 -21.23
C GLU A 267 -8.80 5.18 -21.50
N LEU A 268 -8.00 5.10 -20.43
CA LEU A 268 -6.58 4.80 -20.59
C LEU A 268 -6.38 3.41 -21.16
N GLY A 269 -7.32 2.49 -20.91
CA GLY A 269 -7.23 1.17 -21.50
C GLY A 269 -7.36 1.22 -23.00
N LYS A 270 -8.33 2.00 -23.49
CA LYS A 270 -8.48 2.17 -24.93
C LYS A 270 -7.27 2.87 -25.53
N VAL A 271 -6.72 3.85 -24.81
CA VAL A 271 -5.53 4.55 -25.30
C VAL A 271 -4.35 3.58 -25.41
N ALA A 272 -4.15 2.76 -24.38
CA ALA A 272 -3.05 1.80 -24.38
C ALA A 272 -3.26 0.69 -25.41
N ARG A 273 -4.50 0.30 -25.65
CA ARG A 273 -4.78 -0.69 -26.68
C ARG A 273 -4.49 -0.12 -28.07
N GLU A 274 -4.82 1.16 -28.28
CA GLU A 274 -4.64 1.75 -29.61
C GLU A 274 -3.17 1.76 -30.02
N PHE A 275 -2.26 1.97 -29.08
CA PHE A 275 -0.83 1.98 -29.34
C PHE A 275 -0.14 0.70 -28.90
N ASP A 276 -0.91 -0.30 -28.48
CA ASP A 276 -0.39 -1.57 -27.94
C ASP A 276 0.67 -1.32 -26.86
N LEU A 277 0.28 -0.53 -25.87
CA LEU A 277 1.12 -0.25 -24.73
C LEU A 277 0.73 -1.15 -23.57
N TRP A 278 1.69 -1.45 -22.70
CA TRP A 278 1.39 -2.22 -21.51
C TRP A 278 0.74 -1.32 -20.46
N LEU A 279 -0.48 -1.65 -20.07
CA LEU A 279 -1.19 -0.91 -19.03
C LEU A 279 -1.10 -1.69 -17.74
N HIS A 280 -0.51 -1.06 -16.73
CA HIS A 280 -0.50 -1.58 -15.37
C HIS A 280 -1.33 -0.69 -14.47
N VAL A 281 -2.03 -1.32 -13.54
CA VAL A 281 -2.90 -0.64 -12.59
C VAL A 281 -2.34 -0.88 -11.20
N ASP A 282 -1.83 0.19 -10.60
CA ASP A 282 -1.47 0.19 -9.18
C ASP A 282 -2.76 0.24 -8.37
N GLY A 283 -3.21 -0.93 -7.91
CA GLY A 283 -4.37 -0.95 -7.04
C GLY A 283 -4.08 -0.31 -5.70
N ALA A 284 -2.90 -0.59 -5.15
CA ALA A 284 -2.31 0.18 -4.06
C ALA A 284 -3.21 0.26 -2.82
N TYR A 285 -3.83 1.43 -2.62
CA TYR A 285 -4.68 1.70 -1.47
C TYR A 285 -6.15 1.41 -1.77
N GLY A 286 -6.67 1.89 -2.90
CA GLY A 286 -8.07 1.71 -3.19
C GLY A 286 -8.43 0.30 -3.62
N GLY A 287 -7.47 -0.44 -4.17
CA GLY A 287 -7.79 -1.76 -4.72
C GLY A 287 -8.40 -2.68 -3.69
N SER A 288 -7.83 -2.70 -2.48
CA SER A 288 -8.36 -3.57 -1.43
C SER A 288 -9.82 -3.28 -1.15
N ALA A 289 -10.21 -2.00 -1.13
CA ALA A 289 -11.59 -1.62 -0.87
C ALA A 289 -12.55 -2.12 -1.94
N CYS A 290 -12.05 -2.54 -3.10
CA CYS A 290 -12.89 -2.94 -4.23
C CYS A 290 -13.53 -4.31 -4.07
N ILE A 291 -13.40 -4.96 -2.89
CA ILE A 291 -14.19 -6.16 -2.69
C ILE A 291 -15.66 -5.79 -2.45
N CYS A 292 -15.93 -4.53 -2.04
CA CYS A 292 -17.28 -4.07 -1.77
C CYS A 292 -17.99 -3.69 -3.08
N PRO A 293 -19.28 -4.01 -3.21
CA PRO A 293 -20.00 -3.66 -4.44
C PRO A 293 -20.02 -2.18 -4.73
N GLU A 294 -20.00 -1.33 -3.70
CA GLU A 294 -20.03 0.11 -3.93
C GLU A 294 -18.77 0.57 -4.66
N PHE A 295 -17.61 0.02 -4.30
CA PHE A 295 -16.36 0.45 -4.90
C PHE A 295 -15.99 -0.35 -6.14
N GLN A 296 -16.69 -1.44 -6.44
CA GLN A 296 -16.30 -2.28 -7.57
C GLN A 296 -16.36 -1.53 -8.88
N HIS A 297 -17.22 -0.51 -8.99
CA HIS A 297 -17.28 0.29 -10.20
C HIS A 297 -15.93 0.91 -10.54
N TYR A 298 -15.07 1.14 -9.53
CA TYR A 298 -13.76 1.74 -9.76
C TYR A 298 -12.83 0.79 -10.52
N LEU A 299 -13.34 -0.37 -10.87
CA LEU A 299 -12.56 -1.38 -11.59
C LEU A 299 -13.06 -1.60 -13.00
N ASP A 300 -13.90 -0.71 -13.54
CA ASP A 300 -14.36 -0.89 -14.91
C ASP A 300 -13.25 -0.56 -15.90
N GLY A 301 -13.32 -1.17 -17.08
CA GLY A 301 -12.25 -1.10 -18.03
C GLY A 301 -11.08 -2.03 -17.74
N VAL A 302 -11.18 -2.82 -16.66
CA VAL A 302 -10.12 -3.72 -16.24
C VAL A 302 -9.81 -4.79 -17.29
N ASP A 303 -10.70 -4.97 -18.26
CA ASP A 303 -10.47 -5.96 -19.31
C ASP A 303 -9.40 -5.49 -20.30
N LEU A 304 -9.24 -4.18 -20.47
CA LEU A 304 -8.20 -3.66 -21.35
C LEU A 304 -6.85 -3.55 -20.66
N VAL A 305 -6.77 -3.96 -19.40
CA VAL A 305 -5.58 -3.78 -18.57
C VAL A 305 -4.66 -4.98 -18.71
N ASP A 306 -3.35 -4.71 -18.87
CA ASP A 306 -2.38 -5.80 -18.96
C ASP A 306 -2.10 -6.41 -17.59
N SER A 307 -1.94 -5.59 -16.55
CA SER A 307 -1.59 -6.14 -15.24
C SER A 307 -2.18 -5.28 -14.13
N ILE A 308 -2.49 -5.92 -12.99
CA ILE A 308 -3.03 -5.23 -11.82
C ILE A 308 -2.30 -5.71 -10.58
N SER A 309 -1.87 -4.78 -9.74
CA SER A 309 -1.30 -5.11 -8.45
C SER A 309 -2.14 -4.49 -7.35
N MET A 310 -2.13 -5.10 -6.17
CA MET A 310 -2.85 -4.50 -5.05
C MET A 310 -2.31 -5.04 -3.73
N ASN A 311 -2.28 -4.17 -2.72
CA ASN A 311 -1.72 -4.48 -1.41
C ASN A 311 -2.84 -4.93 -0.48
N ALA A 312 -2.79 -6.20 -0.06
CA ALA A 312 -3.77 -6.68 0.90
C ALA A 312 -3.49 -6.17 2.31
N HIS A 313 -2.26 -5.81 2.63
CA HIS A 313 -1.92 -5.35 3.98
C HIS A 313 -2.32 -3.90 4.22
N1 LLP A 314 1.97 2.38 -4.43
C2 LLP A 314 0.85 3.01 -4.00
C2' LLP A 314 -0.04 3.71 -4.98
C3 LLP A 314 0.51 3.02 -2.55
O3 LLP A 314 -0.60 3.65 -2.09
C4 LLP A 314 1.44 2.31 -1.64
C4' LLP A 314 1.18 2.27 -0.15
C5 LLP A 314 2.63 1.66 -2.23
C6 LLP A 314 2.82 1.73 -3.61
C5' LLP A 314 3.62 0.92 -1.37
OP4 LLP A 314 3.99 -0.30 -2.00
P LLP A 314 5.06 -1.28 -1.31
OP1 LLP A 314 6.07 -1.54 -2.40
OP2 LLP A 314 5.60 -0.47 -0.15
OP3 LLP A 314 4.25 -2.48 -0.91
N LLP A 314 -3.14 -3.36 3.33
CA LLP A 314 -3.59 -1.98 3.45
CB LLP A 314 -3.40 -1.29 2.10
CG LLP A 314 -2.16 -0.39 2.11
CD LLP A 314 -1.82 0.05 0.69
CE LLP A 314 -0.98 1.33 0.72
NZ LLP A 314 0.34 1.13 0.17
C LLP A 314 -5.03 -1.91 3.84
O LLP A 314 -5.51 -0.80 4.16
N TRP A 315 -5.72 -3.04 3.84
CA TRP A 315 -7.14 -3.05 4.21
C TRP A 315 -7.73 -4.44 4.50
N LEU A 316 -7.03 -5.50 4.09
CA LEU A 316 -7.58 -6.84 4.20
C LEU A 316 -7.09 -7.59 5.43
N LEU A 317 -6.48 -6.88 6.39
CA LEU A 317 -6.25 -7.37 7.75
C LEU A 317 -5.27 -8.54 7.80
N SER A 318 -4.30 -8.58 6.89
CA SER A 318 -3.38 -9.71 6.81
C SER A 318 -2.05 -9.45 7.51
N ASN A 319 -1.92 -8.34 8.25
CA ASN A 319 -0.62 -7.87 8.72
C ASN A 319 0.32 -7.72 7.53
N LEU A 320 1.62 -7.71 7.77
CA LEU A 320 2.60 -7.48 6.71
C LEU A 320 3.42 -8.75 6.50
N ASP A 321 3.65 -9.12 5.24
CA ASP A 321 3.19 -8.37 4.06
C ASP A 321 2.61 -9.31 3.01
N CYS A 322 1.85 -8.75 2.06
CA CYS A 322 1.22 -9.54 1.01
C CYS A 322 0.67 -8.66 -0.10
N CYS A 323 1.12 -8.87 -1.33
CA CYS A 323 0.74 -8.01 -2.46
C CYS A 323 0.34 -8.88 -3.65
N PHE A 324 -0.94 -8.86 -3.99
CA PHE A 324 -1.41 -9.65 -5.12
C PHE A 324 -1.01 -9.00 -6.43
N LEU A 325 -0.70 -9.83 -7.43
CA LEU A 325 -0.47 -9.33 -8.77
C LEU A 325 -1.13 -10.28 -9.76
N TRP A 326 -1.97 -9.73 -10.63
CA TRP A 326 -2.71 -10.51 -11.63
C TRP A 326 -2.31 -10.07 -13.03
N LEU A 327 -2.13 -11.04 -13.90
CA LEU A 327 -1.80 -10.84 -15.30
C LEU A 327 -2.84 -11.52 -16.17
N GLN A 328 -3.12 -10.91 -17.32
CA GLN A 328 -3.93 -11.55 -18.35
C GLN A 328 -3.11 -12.53 -19.18
N SER A 329 -1.82 -12.26 -19.36
CA SER A 329 -0.89 -13.16 -20.04
C SER A 329 0.32 -13.34 -19.15
N PRO A 330 0.28 -14.31 -18.23
CA PRO A 330 1.42 -14.52 -17.32
C PRO A 330 2.68 -14.99 -18.03
N ASN A 331 2.57 -15.60 -19.22
CA ASN A 331 3.76 -15.98 -19.95
C ASN A 331 4.60 -14.78 -20.36
N ALA A 332 3.99 -13.60 -20.45
CA ALA A 332 4.77 -12.39 -20.72
C ALA A 332 5.70 -12.06 -19.56
N LEU A 333 5.32 -12.45 -18.33
CA LEU A 333 6.18 -12.26 -17.17
C LEU A 333 7.19 -13.41 -17.03
N ILE A 334 6.74 -14.66 -17.16
CA ILE A 334 7.64 -15.80 -17.02
C ILE A 334 8.78 -15.71 -18.02
N GLU A 335 8.48 -15.32 -19.26
CA GLU A 335 9.52 -15.19 -20.27
C GLU A 335 10.53 -14.11 -19.93
N SER A 336 10.15 -13.12 -19.12
CA SER A 336 11.08 -12.04 -18.79
C SER A 336 12.09 -12.44 -17.72
N LEU A 337 11.72 -13.36 -16.83
CA LEU A 337 12.55 -13.70 -15.67
C LEU A 337 12.95 -15.17 -15.57
N ALA A 338 12.50 -16.03 -16.48
CA ALA A 338 12.89 -17.42 -16.42
C ALA A 338 14.31 -17.62 -16.90
N ALA A 339 14.98 -18.62 -16.33
CA ALA A 339 16.37 -18.91 -16.68
C ALA A 339 16.66 -20.41 -16.54
N GLU A 349 0.70 -25.00 -16.96
CA GLU A 349 0.38 -26.29 -16.33
C GLU A 349 0.67 -26.26 -14.83
N MET A 350 1.77 -26.91 -14.44
CA MET A 350 2.25 -26.79 -13.07
C MET A 350 3.10 -25.52 -12.94
N VAL A 351 2.85 -24.75 -11.89
CA VAL A 351 3.37 -23.40 -11.76
C VAL A 351 4.67 -23.43 -10.96
N ASP A 352 5.68 -22.73 -11.44
CA ASP A 352 6.94 -22.52 -10.74
C ASP A 352 7.08 -21.03 -10.50
N TYR A 353 6.83 -20.59 -9.26
CA TYR A 353 6.88 -19.17 -8.92
C TYR A 353 8.30 -18.60 -8.91
N LYS A 354 9.31 -19.43 -9.17
CA LYS A 354 10.67 -18.93 -9.36
C LYS A 354 10.73 -17.93 -10.51
N ASP A 355 9.94 -18.16 -11.56
CA ASP A 355 9.93 -17.34 -12.77
C ASP A 355 8.89 -16.23 -12.73
N TRP A 356 8.23 -16.02 -11.59
CA TRP A 356 7.17 -15.01 -11.50
C TRP A 356 7.61 -13.75 -10.78
N GLN A 357 8.79 -13.74 -10.17
CA GLN A 357 9.19 -12.61 -9.33
C GLN A 357 10.70 -12.48 -9.37
N ILE A 358 11.27 -11.88 -8.33
CA ILE A 358 12.64 -11.40 -8.37
C ILE A 358 13.63 -12.50 -8.01
N SER A 359 13.36 -13.27 -6.96
CA SER A 359 14.32 -14.19 -6.40
C SER A 359 13.73 -15.60 -6.30
N LEU A 360 14.63 -16.55 -6.02
CA LEU A 360 14.26 -17.94 -5.79
C LEU A 360 13.50 -18.13 -4.48
N SER A 361 14.04 -17.56 -3.41
CA SER A 361 13.48 -17.71 -2.08
C SER A 361 12.13 -17.01 -1.99
N ARG A 362 11.09 -17.79 -1.67
CA ARG A 362 9.74 -17.29 -1.46
C ARG A 362 9.25 -17.77 -0.11
N ARG A 363 8.36 -16.99 0.49
CA ARG A 363 7.68 -17.39 1.71
C ARG A 363 6.31 -17.98 1.39
N PHE A 364 5.72 -18.63 2.39
CA PHE A 364 4.39 -19.23 2.25
C PHE A 364 3.33 -18.25 2.74
N ARG A 365 3.17 -17.15 1.97
CA ARG A 365 2.19 -16.13 2.34
C ARG A 365 0.77 -16.62 2.10
N ALA A 366 0.61 -17.55 1.15
CA ALA A 366 -0.70 -18.07 0.82
C ALA A 366 -1.38 -18.66 2.04
N ILE A 367 -0.63 -19.35 2.91
CA ILE A 367 -1.25 -19.95 4.08
C ILE A 367 -1.78 -18.87 5.02
N LYS A 368 -1.10 -17.72 5.10
CA LYS A 368 -1.58 -16.66 5.98
C LYS A 368 -2.81 -15.97 5.41
N MET A 369 -2.82 -15.72 4.09
CA MET A 369 -4.00 -15.15 3.47
C MET A 369 -5.19 -16.10 3.59
N TRP A 370 -4.96 -17.38 3.36
CA TRP A 370 -5.99 -18.41 3.53
C TRP A 370 -6.53 -18.40 4.95
N MET A 371 -5.63 -18.38 5.94
CA MET A 371 -6.01 -18.31 7.34
C MET A 371 -6.93 -17.13 7.60
N VAL A 372 -6.49 -15.93 7.20
CA VAL A 372 -7.27 -14.72 7.47
C VAL A 372 -8.64 -14.82 6.82
N ILE A 373 -8.69 -15.23 5.55
CA ILE A 373 -9.95 -15.22 4.81
C ILE A 373 -10.92 -16.24 5.41
N ARG A 374 -10.48 -17.50 5.54
CA ARG A 374 -11.41 -18.50 6.06
C ARG A 374 -11.76 -18.27 7.52
N ARG A 375 -10.91 -17.56 8.28
CA ARG A 375 -11.23 -17.32 9.68
C ARG A 375 -12.26 -16.21 9.83
N TYR A 376 -12.16 -15.16 9.02
CA TYR A 376 -13.05 -14.01 9.20
C TYR A 376 -14.24 -14.04 8.24
N GLY A 377 -14.01 -14.29 6.98
CA GLY A 377 -15.10 -14.30 6.02
C GLY A 377 -15.13 -13.03 5.17
N VAL A 378 -15.56 -13.21 3.93
CA VAL A 378 -15.80 -12.07 3.03
C VAL A 378 -16.76 -11.09 3.69
N SER A 379 -17.73 -11.59 4.46
CA SER A 379 -18.67 -10.73 5.16
C SER A 379 -17.93 -9.78 6.11
N ASN A 380 -17.14 -10.34 7.02
N ASN A 380 -17.14 -10.34 7.02
CA ASN A 380 -16.43 -9.51 7.99
CA ASN A 380 -16.42 -9.50 7.99
C ASN A 380 -15.47 -8.55 7.30
C ASN A 380 -15.47 -8.55 7.30
N LEU A 381 -14.81 -9.00 6.23
CA LEU A 381 -13.88 -8.13 5.51
C LEU A 381 -14.61 -6.95 4.87
N ILE A 382 -15.70 -7.24 4.14
CA ILE A 382 -16.53 -6.19 3.55
C ILE A 382 -16.94 -5.18 4.60
N GLU A 383 -17.46 -5.68 5.73
CA GLU A 383 -18.00 -4.74 6.71
C GLU A 383 -16.91 -4.00 7.48
N HIS A 384 -15.70 -4.56 7.58
CA HIS A 384 -14.60 -3.81 8.19
C HIS A 384 -14.19 -2.65 7.29
N ILE A 385 -14.08 -2.92 5.98
CA ILE A 385 -13.83 -1.82 5.04
C ILE A 385 -14.94 -0.78 5.13
N ARG A 386 -16.19 -1.23 5.20
CA ARG A 386 -17.31 -0.31 5.26
C ARG A 386 -17.32 0.50 6.55
N SER A 387 -16.87 -0.09 7.66
CA SER A 387 -16.83 0.65 8.91
C SER A 387 -15.74 1.73 8.86
N ASP A 388 -14.57 1.40 8.32
CA ASP A 388 -13.54 2.42 8.16
C ASP A 388 -14.02 3.54 7.23
N VAL A 389 -14.66 3.18 6.12
CA VAL A 389 -15.17 4.20 5.19
C VAL A 389 -16.24 5.04 5.86
N SER A 390 -17.08 4.42 6.68
CA SER A 390 -18.11 5.20 7.36
C SER A 390 -17.48 6.16 8.36
N MET A 391 -16.46 5.72 9.09
CA MET A 391 -15.79 6.62 10.03
C MET A 391 -15.16 7.79 9.29
N ALA A 392 -14.59 7.53 8.11
CA ALA A 392 -14.05 8.64 7.32
C ALA A 392 -15.15 9.55 6.81
N VAL A 393 -16.31 8.99 6.46
CA VAL A 393 -17.44 9.81 6.08
C VAL A 393 -17.81 10.75 7.22
N ARG A 394 -17.84 10.22 8.44
CA ARG A 394 -18.22 11.03 9.59
C ARG A 394 -17.17 12.10 9.89
N PHE A 395 -15.89 11.77 9.72
CA PHE A 395 -14.84 12.76 9.90
C PHE A 395 -14.97 13.89 8.87
N GLU A 396 -15.28 13.53 7.62
CA GLU A 396 -15.49 14.53 6.58
C GLU A 396 -16.68 15.42 6.91
N GLU A 397 -17.77 14.81 7.40
CA GLU A 397 -18.95 15.59 7.79
C GLU A 397 -18.62 16.53 8.93
N MET A 398 -17.74 16.11 9.84
CA MET A 398 -17.36 17.00 10.94
C MET A 398 -16.51 18.16 10.44
N VAL A 399 -15.61 17.90 9.48
CA VAL A 399 -14.78 18.98 8.96
C VAL A 399 -15.65 20.00 8.24
N ALA A 400 -16.61 19.51 7.45
CA ALA A 400 -17.45 20.37 6.62
C ALA A 400 -18.33 21.29 7.45
N ALA A 401 -18.56 20.96 8.72
CA ALA A 401 -19.42 21.77 9.57
C ALA A 401 -18.65 22.91 10.24
N ASP A 402 -17.34 22.97 10.05
CA ASP A 402 -16.49 23.97 10.67
C ASP A 402 -15.98 24.91 9.58
N ASP A 403 -16.40 26.19 9.65
CA ASP A 403 -15.94 27.18 8.68
C ASP A 403 -14.46 27.45 8.77
N ARG A 404 -13.79 27.03 9.86
CA ARG A 404 -12.36 27.19 10.02
C ARG A 404 -11.56 26.23 9.15
N PHE A 405 -12.21 25.27 8.51
CA PHE A 405 -11.52 24.20 7.81
C PHE A 405 -12.05 24.09 6.38
N GLU A 406 -11.45 23.21 5.59
CA GLU A 406 -11.84 23.07 4.19
C GLU A 406 -11.34 21.75 3.65
N ILE A 407 -12.22 21.01 2.97
CA ILE A 407 -11.83 19.82 2.21
C ILE A 407 -11.12 20.26 0.95
N VAL A 408 -9.88 19.78 0.75
CA VAL A 408 -9.15 20.13 -0.46
C VAL A 408 -9.47 19.20 -1.62
N PHE A 409 -10.06 18.04 -1.34
CA PHE A 409 -10.37 17.04 -2.35
C PHE A 409 -11.41 16.08 -1.75
N PRO A 410 -12.48 15.77 -2.48
CA PRO A 410 -13.53 14.91 -1.89
C PRO A 410 -13.01 13.50 -1.65
N ARG A 411 -13.40 12.94 -0.51
CA ARG A 411 -12.94 11.62 -0.10
C ARG A 411 -13.64 10.54 -0.90
N LYS A 412 -12.86 9.55 -1.35
CA LYS A 412 -13.40 8.38 -2.02
C LYS A 412 -13.33 7.11 -1.20
N PHE A 413 -12.40 7.02 -0.24
CA PHE A 413 -12.25 5.84 0.60
C PHE A 413 -12.24 6.22 2.08
N ALA A 414 -11.18 5.87 2.79
CA ALA A 414 -11.01 6.24 4.19
C ALA A 414 -9.96 7.33 4.35
N LEU A 415 -9.81 8.17 3.32
CA LEU A 415 -8.80 9.21 3.26
C LEU A 415 -9.49 10.55 3.17
N VAL A 416 -9.31 11.40 4.17
CA VAL A 416 -9.85 12.74 4.16
C VAL A 416 -8.70 13.72 4.13
N CYS A 417 -8.71 14.63 3.15
CA CYS A 417 -7.69 15.65 2.98
C CYS A 417 -8.31 17.00 3.30
N PHE A 418 -7.74 17.70 4.28
CA PHE A 418 -8.34 18.95 4.72
C PHE A 418 -7.26 19.93 5.12
N LYS A 419 -7.67 21.16 5.34
CA LYS A 419 -6.73 22.21 5.75
C LYS A 419 -7.53 23.33 6.39
N LEU A 420 -6.79 24.31 6.92
CA LEU A 420 -7.41 25.49 7.50
C LEU A 420 -8.05 26.34 6.42
N SER A 421 -9.19 26.94 6.74
CA SER A 421 -9.83 27.84 5.80
C SER A 421 -9.02 29.12 5.66
N SER A 422 -8.85 29.57 4.41
CA SER A 422 -8.13 30.83 4.19
C SER A 422 -8.96 32.04 4.61
N GLU A 423 -10.29 31.92 4.63
CA GLU A 423 -11.13 33.04 5.02
C GLU A 423 -10.95 33.41 6.48
N LYS A 424 -10.62 32.43 7.33
CA LYS A 424 -10.53 32.62 8.77
C LYS A 424 -9.10 32.48 9.29
N THR A 425 -8.12 32.71 8.42
CA THR A 425 -6.73 32.84 8.79
C THR A 425 -6.19 34.10 8.12
N PRO A 426 -5.07 34.63 8.60
CA PRO A 426 -4.50 35.84 7.97
C PRO A 426 -4.17 35.59 6.51
N PRO A 427 -4.13 36.64 5.70
CA PRO A 427 -3.81 36.46 4.27
C PRO A 427 -2.47 35.77 4.07
N GLY A 428 -2.46 34.75 3.22
CA GLY A 428 -1.24 34.12 2.77
C GLY A 428 -0.68 33.04 3.65
N ARG A 429 -1.09 32.94 4.92
CA ARG A 429 -0.50 31.97 5.82
C ARG A 429 -1.48 30.88 6.24
N ASP A 430 -2.47 30.57 5.40
CA ASP A 430 -3.35 29.46 5.71
C ASP A 430 -2.61 28.13 5.60
N SER A 431 -1.67 28.01 4.66
CA SER A 431 -0.98 26.74 4.49
C SER A 431 0.05 26.51 5.59
N GLU A 432 0.83 27.54 5.92
CA GLU A 432 1.83 27.37 6.96
C GLU A 432 1.17 27.17 8.32
N LEU A 433 -0.01 27.77 8.52
CA LEU A 433 -0.75 27.53 9.75
C LEU A 433 -1.38 26.13 9.76
N THR A 434 -1.81 25.62 8.59
CA THR A 434 -2.22 24.22 8.52
C THR A 434 -1.05 23.30 8.90
N ARG A 435 0.14 23.62 8.40
CA ARG A 435 1.32 22.81 8.73
C ARG A 435 1.60 22.86 10.23
N GLU A 436 1.53 24.07 10.82
CA GLU A 436 1.76 24.19 12.26
C GLU A 436 0.70 23.43 13.04
N LEU A 437 -0.55 23.46 12.58
CA LEU A 437 -1.61 22.69 13.23
C LEU A 437 -1.25 21.21 13.25
N MET A 438 -0.86 20.68 12.09
CA MET A 438 -0.47 19.28 12.02
C MET A 438 0.72 18.98 12.94
N GLU A 439 1.70 19.89 12.97
CA GLU A 439 2.89 19.68 13.78
C GLU A 439 2.57 19.67 15.27
N ARG A 440 1.70 20.59 15.72
CA ARG A 440 1.35 20.65 17.14
C ARG A 440 0.52 19.45 17.56
N VAL A 441 -0.36 18.98 16.67
CA VAL A 441 -1.15 17.78 16.96
C VAL A 441 -0.24 16.58 17.10
N ASN A 442 0.65 16.37 16.12
CA ASN A 442 1.57 15.23 16.19
C ASN A 442 2.47 15.32 17.41
N SER A 443 2.95 16.53 17.73
CA SER A 443 3.85 16.68 18.86
C SER A 443 3.14 16.44 20.18
N SER A 444 1.83 16.71 20.24
CA SER A 444 1.10 16.43 21.46
C SER A 444 1.11 14.95 21.81
N GLY A 445 1.36 14.08 20.83
CA GLY A 445 1.39 12.65 21.05
C GLY A 445 0.03 11.98 21.02
N LYS A 446 -1.07 12.74 21.05
CA LYS A 446 -2.39 12.15 21.13
C LYS A 446 -2.89 11.60 19.81
N ALA A 447 -2.16 11.84 18.71
CA ALA A 447 -2.55 11.38 17.38
C ALA A 447 -1.39 11.65 16.44
N TYR A 448 -1.47 11.05 15.25
CA TYR A 448 -0.43 11.18 14.23
C TYR A 448 -1.12 11.28 12.87
N LEU A 449 -1.07 12.46 12.27
CA LEU A 449 -1.67 12.69 10.97
C LEU A 449 -0.59 13.02 9.95
N SER A 450 -0.90 12.74 8.68
CA SER A 450 0.07 12.97 7.62
C SER A 450 -0.21 14.32 6.98
N GLY A 451 0.71 14.79 6.16
CA GLY A 451 0.49 16.04 5.48
C GLY A 451 1.43 16.26 4.32
N VAL A 452 0.92 16.81 3.23
CA VAL A 452 1.73 16.98 2.04
C VAL A 452 1.63 18.42 1.57
N GLN A 453 2.72 18.88 0.96
CA GLN A 453 2.84 20.20 0.36
C GLN A 453 2.68 20.04 -1.15
N MET A 454 1.47 20.28 -1.65
CA MET A 454 1.20 20.26 -3.09
C MET A 454 1.46 21.66 -3.63
N GLY A 455 2.68 21.88 -4.09
CA GLY A 455 3.12 23.16 -4.58
C GLY A 455 2.88 24.27 -3.59
N ARG A 456 1.81 25.04 -3.83
CA ARG A 456 1.52 26.23 -3.06
C ARG A 456 0.74 25.94 -1.79
N ILE A 457 -0.03 24.84 -1.76
CA ILE A 457 -0.90 24.56 -0.63
C ILE A 457 -0.31 23.43 0.18
N PHE A 458 -0.65 23.40 1.46
CA PHE A 458 -0.32 22.30 2.36
C PHE A 458 -1.61 21.76 2.93
N PHE A 459 -1.75 20.43 2.98
CA PHE A 459 -2.96 19.87 3.56
C PHE A 459 -2.66 18.61 4.35
N ILE A 460 -3.51 18.35 5.33
CA ILE A 460 -3.38 17.22 6.22
C ILE A 460 -4.20 16.06 5.67
N ARG A 461 -3.59 14.88 5.64
CA ARG A 461 -4.28 13.63 5.37
C ARG A 461 -4.59 12.94 6.68
N CYS A 462 -5.85 12.55 6.83
CA CYS A 462 -6.32 11.68 7.90
C CYS A 462 -6.82 10.39 7.27
N VAL A 463 -6.17 9.28 7.61
CA VAL A 463 -6.49 7.96 7.07
C VAL A 463 -7.04 7.11 8.20
N ILE A 464 -8.29 6.67 8.06
CA ILE A 464 -8.90 5.74 9.01
C ILE A 464 -8.56 4.32 8.58
N GLY A 465 -7.87 3.58 9.46
CA GLY A 465 -7.56 2.20 9.13
C GLY A 465 -6.72 1.40 10.11
N SER A 466 -6.47 1.96 11.29
CA SER A 466 -5.56 1.35 12.26
C SER A 466 -6.18 0.19 13.05
N SER A 467 -7.29 -0.39 12.58
CA SER A 467 -7.88 -1.59 13.18
C SER A 467 -8.36 -1.37 14.61
N LEU A 468 -7.48 -0.91 15.50
CA LEU A 468 -7.88 -0.57 16.85
C LEU A 468 -8.84 0.61 16.88
N THR A 469 -8.86 1.42 15.82
CA THR A 469 -9.60 2.67 15.80
C THR A 469 -11.11 2.42 15.81
N GLU A 470 -11.81 3.07 16.73
CA GLU A 470 -13.27 3.06 16.78
C GLU A 470 -13.77 4.49 16.60
N GLU A 471 -15.09 4.66 16.80
CA GLU A 471 -15.70 5.97 16.64
C GLU A 471 -15.16 6.97 17.65
N ARG A 472 -14.95 6.52 18.89
CA ARG A 472 -14.46 7.40 19.94
C ARG A 472 -13.13 8.05 19.55
N HIS A 473 -12.25 7.30 18.90
CA HIS A 473 -10.94 7.83 18.55
C HIS A 473 -11.05 8.92 17.49
N VAL A 474 -11.95 8.74 16.51
CA VAL A 474 -12.17 9.78 15.52
C VAL A 474 -12.75 11.03 16.15
N ASP A 475 -13.67 10.85 17.10
CA ASP A 475 -14.23 11.99 17.83
C ASP A 475 -13.14 12.74 18.59
N ASN A 476 -12.29 12.01 19.30
CA ASN A 476 -11.21 12.64 20.06
C ASN A 476 -10.25 13.37 19.13
N LEU A 477 -9.94 12.77 17.98
CA LEU A 477 -9.06 13.41 17.02
C LEU A 477 -9.65 14.71 16.50
N TRP A 478 -10.94 14.71 16.17
CA TRP A 478 -11.53 15.94 15.67
C TRP A 478 -11.54 17.02 16.74
N ARG A 479 -11.89 16.66 17.98
CA ARG A 479 -11.89 17.64 19.06
C ARG A 479 -10.48 18.19 19.29
N LEU A 480 -9.47 17.33 19.20
CA LEU A 480 -8.10 17.80 19.41
C LEU A 480 -7.68 18.74 18.28
N ILE A 481 -8.06 18.41 17.03
CA ILE A 481 -7.73 19.30 15.91
C ILE A 481 -8.38 20.67 16.12
N GLN A 482 -9.65 20.68 16.56
CA GLN A 482 -10.34 21.95 16.79
C GLN A 482 -9.68 22.74 17.91
N GLU A 483 -9.37 22.06 19.03
CA GLU A 483 -8.78 22.75 20.18
C GLU A 483 -7.41 23.31 19.83
N THR A 484 -6.63 22.58 19.03
CA THR A 484 -5.34 23.10 18.59
C THR A 484 -5.50 24.25 17.61
N ALA A 485 -6.53 24.21 16.76
CA ALA A 485 -6.76 25.29 15.81
C ALA A 485 -7.15 26.58 16.53
N GLN A 486 -8.05 26.50 17.51
CA GLN A 486 -8.39 27.69 18.28
C GLN A 486 -7.18 28.24 19.03
N SER A 487 -6.20 27.40 19.35
CA SER A 487 -5.04 27.83 20.09
C SER A 487 -4.12 28.76 19.29
N ILE A 488 -4.28 28.82 17.97
CA ILE A 488 -3.39 29.64 17.14
C ILE A 488 -4.19 30.57 16.23
N VAL A 489 -5.30 30.07 15.69
CA VAL A 489 -6.12 30.86 14.78
C VAL A 489 -6.82 31.96 15.58
N SER A 490 -6.49 33.21 15.25
CA SER A 490 -7.07 34.39 15.90
C SER A 490 -6.91 34.33 17.43
#